data_3MO0
#
_entry.id   3MO0
#
_cell.length_a   47.300
_cell.length_b   94.500
_cell.length_c   138.200
_cell.angle_alpha   90.00
_cell.angle_beta   90.00
_cell.angle_gamma   90.00
#
_symmetry.space_group_name_H-M   'P 21 21 21'
#
loop_
_entity.id
_entity.type
_entity.pdbx_description
1 polymer 'Histone-lysine N-methyltransferase, H3 lysine-9 specific 5'
2 non-polymer S-ADENOSYL-L-HOMOCYSTEINE
3 non-polymer N~4~-(1-benzylpiperidin-4-yl)-N~2~-[3-(dimethylamino)propyl]-6,7-dimethoxyquinazoline-2,4-diamine
4 non-polymer 'ZINC ION'
5 non-polymer 1,2-ETHANEDIOL
6 water water
#
_entity_poly.entity_id   1
_entity_poly.type   'polypeptide(L)'
_entity_poly.pdbx_seq_one_letter_code
;NSQVWSALQMSKALQDSAPDRPSPVERIVSRDIARGYERIPIPCVNAVDSEPCPSNYKYVSQNCVTSPMNIDRNITHLQY
CVCIDDCSSSNCMCGQLSMRCWYDKDGRLLPEFNMAEPPLIFECNHACSCWRNCRNRVVQNGLRARLQLYRTRDMGWGVR
SLQDIPPGTFVCEYVGELISDSEADVREEDSYLFDLDNKDGEVYCIDARFYGNVSRFINHHCEPNLVPVRVFMAHQDLRF
PRIAFFSTRLIEAGEQLGFDYGERFWDIKGKLFSCRCGSPKCRHS
;
_entity_poly.pdbx_strand_id   A,B
#
# COMPACT_ATOMS: atom_id res chain seq x y z
N ARG A 27 3.33 27.15 21.55
CA ARG A 27 2.65 28.09 20.59
C ARG A 27 1.89 27.30 19.52
N ILE A 28 2.47 26.16 19.14
CA ILE A 28 1.91 25.26 18.11
C ILE A 28 2.14 25.74 16.69
N VAL A 29 2.84 24.93 15.91
CA VAL A 29 3.13 25.26 14.52
C VAL A 29 2.14 24.56 13.59
N SER A 30 2.16 23.24 13.58
CA SER A 30 1.26 22.48 12.70
C SER A 30 0.46 21.41 13.44
N ARG A 31 -0.75 21.18 12.98
CA ARG A 31 -1.62 20.18 13.58
C ARG A 31 -1.21 18.75 13.19
N ASP A 32 -0.75 18.59 11.95
CA ASP A 32 -0.32 17.28 11.46
C ASP A 32 0.67 17.37 10.30
N ILE A 33 1.93 17.04 10.58
CA ILE A 33 2.97 17.09 9.55
C ILE A 33 2.78 15.99 8.51
N ALA A 34 2.01 14.96 8.87
CA ALA A 34 1.76 13.84 7.96
C ALA A 34 0.72 14.21 6.89
N ARG A 35 -0.01 15.30 7.13
CA ARG A 35 -1.04 15.79 6.21
C ARG A 35 -2.11 14.75 5.96
N GLY A 36 -2.33 13.89 6.94
CA GLY A 36 -3.37 12.88 6.81
C GLY A 36 -2.92 11.50 6.40
N TYR A 37 -1.62 11.35 6.12
CA TYR A 37 -1.07 10.06 5.71
C TYR A 37 -0.88 9.05 6.85
N GLU A 38 -1.13 9.48 8.07
CA GLU A 38 -1.00 8.58 9.20
C GLU A 38 -2.37 8.35 9.84
N ARG A 39 -2.56 7.18 10.44
CA ARG A 39 -3.83 6.89 11.07
C ARG A 39 -4.11 7.93 12.17
N ILE A 40 -3.06 8.47 12.79
CA ILE A 40 -3.24 9.51 13.80
C ILE A 40 -2.30 10.67 13.47
N PRO A 41 -2.78 11.91 13.61
CA PRO A 41 -1.93 13.06 13.29
C PRO A 41 -0.64 13.12 14.10
N ILE A 42 0.30 13.92 13.60
CA ILE A 42 1.61 14.11 14.23
C ILE A 42 1.91 15.61 14.25
N PRO A 43 1.53 16.29 15.33
CA PRO A 43 1.70 17.73 15.54
C PRO A 43 3.16 18.19 15.56
N CYS A 44 3.36 19.49 15.35
CA CYS A 44 4.68 20.10 15.38
C CYS A 44 4.58 21.27 16.33
N VAL A 45 5.49 21.33 17.29
CA VAL A 45 5.49 22.42 18.27
C VAL A 45 6.88 23.03 18.38
N ASN A 46 6.96 24.35 18.33
CA ASN A 46 8.25 25.01 18.44
C ASN A 46 8.25 26.12 19.47
N ALA A 47 8.70 25.79 20.68
CA ALA A 47 8.79 26.76 21.75
C ALA A 47 10.26 26.84 22.14
N VAL A 48 11.12 26.82 21.14
CA VAL A 48 12.55 26.89 21.35
C VAL A 48 13.13 28.07 20.58
N ASP A 49 12.47 28.41 19.47
CA ASP A 49 12.90 29.52 18.64
C ASP A 49 11.80 29.94 17.70
N SER A 50 12.16 30.68 16.65
CA SER A 50 11.19 31.20 15.71
C SER A 50 11.16 30.48 14.37
N GLU A 51 12.02 29.47 14.20
CA GLU A 51 12.04 28.74 12.93
C GLU A 51 10.75 27.93 12.75
N PRO A 52 10.05 28.15 11.64
CA PRO A 52 8.79 27.48 11.30
C PRO A 52 9.00 25.98 11.07
N CYS A 53 7.92 25.20 11.15
CA CYS A 53 8.04 23.76 10.94
C CYS A 53 8.45 23.52 9.47
N PRO A 54 9.36 22.56 9.24
CA PRO A 54 9.86 22.20 7.90
C PRO A 54 8.80 21.98 6.84
N SER A 55 9.16 22.22 5.59
CA SER A 55 8.25 22.04 4.47
C SER A 55 9.03 21.90 3.18
N ASN A 56 10.34 21.69 3.30
CA ASN A 56 11.21 21.53 2.15
C ASN A 56 11.40 20.07 1.77
N TYR A 57 10.42 19.25 2.12
CA TYR A 57 10.44 17.83 1.81
C TYR A 57 8.99 17.41 1.61
N LYS A 58 8.76 16.14 1.30
CA LYS A 58 7.38 15.70 1.09
C LYS A 58 7.08 14.50 1.97
N TYR A 59 6.00 14.58 2.75
CA TYR A 59 5.63 13.49 3.64
C TYR A 59 4.95 12.31 2.94
N VAL A 60 5.61 11.16 2.96
CA VAL A 60 5.05 9.94 2.36
C VAL A 60 4.95 8.90 3.48
N SER A 61 3.95 8.02 3.41
CA SER A 61 3.82 7.00 4.44
C SER A 61 4.39 5.67 3.96
N GLN A 62 4.59 5.56 2.66
CA GLN A 62 5.14 4.34 2.06
C GLN A 62 6.36 4.73 1.23
N ASN A 63 7.29 3.81 1.06
CA ASN A 63 8.49 4.10 0.29
C ASN A 63 8.24 4.45 -1.15
N CYS A 64 9.05 5.39 -1.63
CA CYS A 64 9.00 5.87 -2.99
C CYS A 64 10.22 5.30 -3.74
N VAL A 65 9.98 4.48 -4.75
CA VAL A 65 11.06 3.85 -5.52
C VAL A 65 11.53 4.64 -6.74
N THR A 66 12.55 5.46 -6.53
CA THR A 66 13.10 6.29 -7.61
C THR A 66 14.17 5.56 -8.43
N SER A 67 15.40 5.51 -7.93
CA SER A 67 16.48 4.83 -8.63
C SER A 67 16.21 3.33 -8.72
N ILE A 75 10.66 -12.69 -10.68
CA ILE A 75 10.75 -14.11 -10.39
C ILE A 75 9.41 -14.64 -9.90
N THR A 76 9.38 -15.10 -8.65
CA THR A 76 8.18 -15.63 -8.04
C THR A 76 7.98 -14.93 -6.68
N HIS A 77 6.76 -14.46 -6.41
CA HIS A 77 6.49 -13.76 -5.16
C HIS A 77 6.25 -14.72 -4.00
N LEU A 78 6.76 -15.94 -4.13
CA LEU A 78 6.59 -16.96 -3.09
C LEU A 78 7.37 -16.61 -1.82
N GLN A 79 6.77 -16.92 -0.68
CA GLN A 79 7.31 -16.66 0.67
C GLN A 79 6.07 -16.45 1.51
N TYR A 80 5.21 -17.46 1.53
CA TYR A 80 3.96 -17.40 2.25
C TYR A 80 3.74 -18.59 3.18
N CYS A 81 2.66 -18.53 3.93
CA CYS A 81 2.29 -19.59 4.85
C CYS A 81 0.96 -20.18 4.36
N VAL A 82 0.53 -21.28 4.96
CA VAL A 82 -0.71 -21.92 4.58
C VAL A 82 -1.57 -22.21 5.80
N CYS A 83 -1.45 -21.34 6.79
CA CYS A 83 -2.20 -21.47 8.03
C CYS A 83 -3.71 -21.26 7.84
N ILE A 84 -4.45 -21.68 8.87
CA ILE A 84 -5.90 -21.58 8.91
C ILE A 84 -6.25 -21.01 10.27
N ASP A 85 -5.23 -20.80 11.08
CA ASP A 85 -5.36 -20.25 12.42
C ASP A 85 -5.05 -18.75 12.37
N ASP A 86 -4.67 -18.17 13.51
CA ASP A 86 -4.34 -16.75 13.55
C ASP A 86 -2.83 -16.64 13.49
N CYS A 87 -2.21 -17.69 12.92
CA CYS A 87 -0.76 -17.80 12.78
C CYS A 87 -0.10 -17.77 14.15
N SER A 88 -0.77 -18.42 15.09
CA SER A 88 -0.33 -18.53 16.46
C SER A 88 0.40 -19.86 16.68
N SER A 89 0.32 -20.74 15.70
CA SER A 89 0.97 -22.05 15.81
C SER A 89 2.43 -22.09 15.36
N SER A 90 3.02 -23.27 15.47
CA SER A 90 4.42 -23.50 15.10
C SER A 90 4.53 -23.95 13.66
N ASN A 91 3.40 -23.98 12.95
CA ASN A 91 3.42 -24.40 11.56
C ASN A 91 3.38 -23.24 10.59
N CYS A 92 3.48 -22.03 11.12
CA CYS A 92 3.46 -20.89 10.24
C CYS A 92 4.83 -20.76 9.56
N MET A 93 4.82 -20.88 8.23
CA MET A 93 6.06 -20.78 7.47
C MET A 93 6.74 -19.43 7.66
N CYS A 94 5.93 -18.39 7.66
CA CYS A 94 6.44 -17.04 7.81
C CYS A 94 7.03 -16.89 9.19
N GLY A 95 6.35 -17.45 10.17
CA GLY A 95 6.85 -17.38 11.53
C GLY A 95 8.18 -18.09 11.58
N GLN A 96 8.25 -19.23 10.89
CA GLN A 96 9.48 -20.03 10.85
C GLN A 96 10.59 -19.29 10.13
N LEU A 97 10.22 -18.50 9.13
CA LEU A 97 11.21 -17.74 8.38
C LEU A 97 11.75 -16.64 9.26
N SER A 98 11.06 -16.36 10.36
CA SER A 98 11.45 -15.33 11.31
C SER A 98 12.14 -16.01 12.49
N MET A 99 12.30 -17.32 12.37
CA MET A 99 12.87 -18.14 13.44
C MET A 99 11.69 -18.52 14.31
N ARG A 100 10.78 -17.57 14.49
CA ARG A 100 9.56 -17.74 15.28
C ARG A 100 8.82 -16.41 15.28
N CYS A 101 7.50 -16.46 15.38
CA CYS A 101 6.72 -15.23 15.43
C CYS A 101 7.04 -14.57 16.77
N TRP A 102 7.65 -13.39 16.72
CA TRP A 102 8.01 -12.68 17.92
C TRP A 102 6.92 -11.78 18.50
N TYR A 103 5.78 -11.67 17.81
CA TYR A 103 4.69 -10.80 18.29
C TYR A 103 3.76 -11.47 19.30
N ASP A 104 3.50 -10.79 20.41
CA ASP A 104 2.59 -11.35 21.40
C ASP A 104 1.20 -10.95 20.95
N LYS A 105 0.19 -11.30 21.75
CA LYS A 105 -1.20 -10.99 21.41
C LYS A 105 -1.49 -9.50 21.19
N ASP A 106 -0.61 -8.65 21.70
CA ASP A 106 -0.78 -7.21 21.57
C ASP A 106 0.19 -6.50 20.62
N GLY A 107 0.69 -7.24 19.64
CA GLY A 107 1.61 -6.67 18.68
C GLY A 107 3.02 -6.35 19.15
N ARG A 108 3.37 -6.70 20.38
CA ARG A 108 4.72 -6.38 20.85
C ARG A 108 5.69 -7.53 20.75
N LEU A 109 6.97 -7.21 20.86
CA LEU A 109 7.98 -8.26 20.80
C LEU A 109 7.99 -9.07 22.09
N LEU A 110 8.48 -10.30 22.02
CA LEU A 110 8.54 -11.12 23.21
C LEU A 110 9.84 -10.77 23.92
N PRO A 111 9.86 -10.91 25.26
CA PRO A 111 11.08 -10.58 26.01
C PRO A 111 12.26 -11.36 25.42
N GLU A 112 11.92 -12.46 24.77
CA GLU A 112 12.90 -13.32 24.13
C GLU A 112 13.68 -12.60 23.02
N PHE A 113 13.02 -11.66 22.35
CA PHE A 113 13.64 -10.91 21.26
C PHE A 113 15.00 -10.34 21.68
N ASN A 114 16.02 -10.62 20.89
CA ASN A 114 17.36 -10.14 21.18
C ASN A 114 17.64 -8.78 20.53
N MET A 115 17.20 -7.71 21.20
CA MET A 115 17.39 -6.32 20.72
C MET A 115 18.84 -6.04 20.37
N ALA A 116 19.73 -6.90 20.81
CA ALA A 116 21.16 -6.74 20.52
C ALA A 116 21.38 -6.99 19.05
N GLU A 117 21.09 -8.22 18.61
CA GLU A 117 21.26 -8.60 17.21
C GLU A 117 19.87 -9.01 16.70
N PRO A 118 19.08 -8.05 16.22
CA PRO A 118 17.73 -8.27 15.70
C PRO A 118 17.60 -9.30 14.60
N PRO A 119 16.64 -10.22 14.72
CA PRO A 119 16.42 -11.26 13.72
C PRO A 119 15.54 -10.65 12.63
N LEU A 120 15.72 -11.07 11.39
CA LEU A 120 14.89 -10.56 10.31
C LEU A 120 13.47 -11.04 10.54
N ILE A 121 12.49 -10.14 10.45
CA ILE A 121 11.10 -10.54 10.63
C ILE A 121 10.35 -10.64 9.30
N PHE A 122 9.60 -11.73 9.16
CA PHE A 122 8.81 -11.97 7.96
C PHE A 122 7.36 -11.99 8.43
N GLU A 123 6.54 -11.12 7.82
CA GLU A 123 5.12 -10.99 8.16
C GLU A 123 4.23 -11.60 7.10
N CYS A 124 3.00 -11.94 7.48
CA CYS A 124 2.07 -12.53 6.53
C CYS A 124 1.63 -11.51 5.47
N ASN A 125 1.51 -11.97 4.22
CA ASN A 125 1.10 -11.13 3.10
C ASN A 125 -0.14 -11.68 2.40
N HIS A 126 -0.33 -11.30 1.14
CA HIS A 126 -1.51 -11.76 0.40
C HIS A 126 -1.32 -13.12 -0.28
N ALA A 127 -0.12 -13.67 -0.22
CA ALA A 127 0.11 -14.97 -0.82
C ALA A 127 -0.26 -16.01 0.22
N CYS A 128 -0.29 -15.58 1.48
CA CYS A 128 -0.64 -16.48 2.58
C CYS A 128 -2.13 -16.77 2.58
N SER A 129 -2.55 -17.74 3.38
CA SER A 129 -3.94 -18.17 3.46
C SER A 129 -4.62 -17.60 4.70
N CYS A 130 -3.81 -17.04 5.59
CA CYS A 130 -4.32 -16.49 6.81
C CYS A 130 -5.06 -15.18 6.54
N TRP A 131 -5.95 -14.82 7.45
CA TRP A 131 -6.74 -13.60 7.33
C TRP A 131 -5.87 -12.38 7.57
N ARG A 132 -6.34 -11.24 7.07
CA ARG A 132 -5.62 -9.97 7.19
C ARG A 132 -5.27 -9.62 8.64
N ASN A 133 -5.95 -10.22 9.61
CA ASN A 133 -5.67 -9.93 11.02
C ASN A 133 -5.05 -11.07 11.85
N CYS A 134 -4.00 -11.69 11.33
CA CYS A 134 -3.35 -12.77 12.06
C CYS A 134 -2.23 -12.20 12.94
N ARG A 135 -1.79 -12.96 13.93
CA ARG A 135 -0.75 -12.48 14.81
C ARG A 135 0.40 -11.80 14.07
N ASN A 136 0.91 -12.49 13.07
CA ASN A 136 2.06 -12.04 12.33
C ASN A 136 1.85 -10.86 11.39
N ARG A 137 1.31 -9.78 11.92
CA ARG A 137 1.07 -8.58 11.13
C ARG A 137 1.10 -7.39 12.05
N VAL A 138 2.26 -6.74 12.17
CA VAL A 138 2.34 -5.56 13.03
C VAL A 138 2.73 -4.35 12.22
N VAL A 139 3.92 -4.39 11.62
CA VAL A 139 4.39 -3.27 10.82
C VAL A 139 3.39 -2.90 9.72
N GLN A 140 2.85 -3.89 9.02
CA GLN A 140 1.92 -3.59 7.94
C GLN A 140 0.64 -2.87 8.36
N ASN A 141 0.43 -2.69 9.67
CA ASN A 141 -0.76 -1.99 10.14
C ASN A 141 -0.55 -0.53 10.46
N GLY A 142 0.55 0.03 9.97
CA GLY A 142 0.83 1.43 10.19
C GLY A 142 1.22 1.82 11.61
N LEU A 143 1.32 3.12 11.79
CA LEU A 143 1.66 3.76 13.04
C LEU A 143 0.52 3.64 14.06
N ARG A 144 0.88 3.52 15.33
CA ARG A 144 -0.11 3.42 16.39
C ARG A 144 0.24 4.39 17.50
N ALA A 145 1.49 4.84 17.51
CA ALA A 145 1.96 5.76 18.52
C ALA A 145 1.59 7.21 18.25
N ARG A 146 1.32 7.92 19.34
CA ARG A 146 0.97 9.33 19.32
C ARG A 146 2.31 10.05 19.41
N LEU A 147 2.85 10.46 18.26
CA LEU A 147 4.13 11.14 18.27
C LEU A 147 3.95 12.63 18.08
N GLN A 148 5.07 13.35 17.98
CA GLN A 148 5.02 14.79 17.79
C GLN A 148 6.40 15.32 17.46
N LEU A 149 6.49 16.13 16.42
CA LEU A 149 7.78 16.71 16.05
C LEU A 149 7.93 17.90 16.98
N TYR A 150 9.17 18.22 17.36
CA TYR A 150 9.41 19.34 18.27
C TYR A 150 10.83 19.90 18.12
N ARG A 151 10.95 21.22 18.30
CA ARG A 151 12.23 21.89 18.19
C ARG A 151 13.11 21.63 19.41
N THR A 152 14.32 21.10 19.18
CA THR A 152 15.26 20.84 20.25
C THR A 152 16.10 22.07 20.55
N ARG A 153 16.60 22.16 21.76
CA ARG A 153 17.39 23.31 22.16
C ARG A 153 18.72 23.29 21.43
N ASP A 154 19.16 22.11 21.01
CA ASP A 154 20.45 22.01 20.35
C ASP A 154 20.59 21.01 19.19
N MET A 155 19.60 20.12 19.00
CA MET A 155 19.69 19.15 17.92
C MET A 155 18.84 19.51 16.69
N GLY A 156 18.21 20.67 16.74
CA GLY A 156 17.38 21.10 15.64
C GLY A 156 15.96 20.60 15.82
N TRP A 157 15.61 19.54 15.08
CA TRP A 157 14.28 18.99 15.18
C TRP A 157 14.41 17.60 15.77
N GLY A 158 13.40 17.18 16.51
CA GLY A 158 13.44 15.85 17.11
C GLY A 158 12.06 15.27 17.28
N VAL A 159 11.99 13.98 17.56
CA VAL A 159 10.69 13.33 17.73
C VAL A 159 10.57 12.79 19.14
N ARG A 160 9.35 12.83 19.67
CA ARG A 160 9.09 12.33 21.02
C ARG A 160 7.70 11.74 21.17
N SER A 161 7.50 10.97 22.23
CA SER A 161 6.21 10.36 22.47
C SER A 161 5.30 11.20 23.37
N LEU A 162 4.00 11.18 23.08
CA LEU A 162 3.05 11.92 23.89
C LEU A 162 2.37 10.93 24.85
N GLN A 163 2.79 9.66 24.76
CA GLN A 163 2.23 8.61 25.60
C GLN A 163 3.29 7.56 25.92
N ASP A 164 3.11 6.83 27.02
CA ASP A 164 4.08 5.80 27.37
C ASP A 164 4.09 4.72 26.29
N ILE A 165 5.27 4.35 25.84
CA ILE A 165 5.40 3.32 24.82
C ILE A 165 6.06 2.12 25.50
N PRO A 166 5.35 0.99 25.58
CA PRO A 166 5.93 -0.19 26.21
C PRO A 166 7.15 -0.68 25.43
N PRO A 167 8.07 -1.39 26.09
CA PRO A 167 9.24 -1.86 25.33
C PRO A 167 8.83 -2.81 24.22
N GLY A 168 9.75 -3.04 23.29
CA GLY A 168 9.49 -3.94 22.19
C GLY A 168 8.21 -3.61 21.44
N THR A 169 7.90 -2.32 21.31
CA THR A 169 6.69 -1.87 20.60
C THR A 169 7.02 -1.28 19.22
N PHE A 170 6.22 -1.59 18.21
CA PHE A 170 6.49 -1.01 16.90
C PHE A 170 6.15 0.47 16.94
N VAL A 171 7.15 1.31 16.73
CA VAL A 171 6.95 2.75 16.76
C VAL A 171 6.68 3.38 15.40
N CYS A 172 7.65 3.27 14.50
CA CYS A 172 7.51 3.82 13.17
C CYS A 172 8.53 3.20 12.24
N GLU A 173 8.29 3.34 10.94
CA GLU A 173 9.15 2.79 9.89
C GLU A 173 9.99 3.93 9.31
N TYR A 174 11.17 3.64 8.77
CA TYR A 174 12.01 4.71 8.19
C TYR A 174 11.75 4.82 6.69
N VAL A 175 10.59 5.37 6.35
CA VAL A 175 10.17 5.51 4.95
C VAL A 175 10.92 6.61 4.24
N GLY A 176 11.02 6.47 2.92
CA GLY A 176 11.72 7.47 2.13
C GLY A 176 11.88 7.07 0.68
N GLU A 177 12.79 7.74 -0.01
CA GLU A 177 13.04 7.45 -1.41
C GLU A 177 14.05 6.32 -1.42
N LEU A 178 13.80 5.28 -2.19
CA LEU A 178 14.75 4.18 -2.28
C LEU A 178 15.67 4.41 -3.47
N ILE A 179 16.92 4.80 -3.20
CA ILE A 179 17.89 5.08 -4.25
C ILE A 179 18.98 4.01 -4.26
N SER A 180 19.80 4.00 -5.30
CA SER A 180 20.87 3.03 -5.41
C SER A 180 22.18 3.54 -4.83
N ASP A 181 23.15 2.64 -4.75
CA ASP A 181 24.48 2.94 -4.20
C ASP A 181 25.18 4.08 -4.93
N SER A 182 25.17 4.03 -6.26
CA SER A 182 25.84 5.05 -7.05
C SER A 182 25.02 6.33 -7.26
N GLU A 183 23.79 6.31 -6.78
CA GLU A 183 22.88 7.46 -6.88
C GLU A 183 23.11 8.38 -5.69
N ALA A 184 23.48 7.78 -4.56
CA ALA A 184 23.74 8.54 -3.34
C ALA A 184 25.13 9.17 -3.42
N ASP A 185 25.97 8.60 -4.27
CA ASP A 185 27.35 9.06 -4.47
C ASP A 185 27.38 10.43 -5.18
N VAL A 186 26.22 10.89 -5.62
CA VAL A 186 26.13 12.18 -6.31
C VAL A 186 25.06 13.08 -5.73
N ARG A 187 24.73 12.86 -4.46
CA ARG A 187 23.72 13.69 -3.81
C ARG A 187 24.40 14.49 -2.69
N GLU A 188 24.52 15.80 -2.87
CA GLU A 188 25.16 16.65 -1.88
C GLU A 188 24.71 16.36 -0.46
N GLU A 189 23.41 16.54 -0.19
CA GLU A 189 22.87 16.30 1.13
C GLU A 189 22.81 14.79 1.37
N ASP A 190 23.33 14.35 2.52
CA ASP A 190 23.38 12.93 2.84
C ASP A 190 23.12 12.66 4.32
N SER A 191 22.53 13.63 5.00
CA SER A 191 22.25 13.50 6.43
C SER A 191 20.95 12.73 6.67
N TYR A 192 20.32 12.28 5.58
CA TYR A 192 19.07 11.55 5.67
C TYR A 192 19.20 10.27 4.84
N LEU A 193 20.32 9.58 5.03
CA LEU A 193 20.57 8.35 4.31
C LEU A 193 20.73 7.19 5.26
N PHE A 194 19.87 6.19 5.12
CA PHE A 194 19.94 4.99 5.94
C PHE A 194 20.33 3.87 4.99
N ASP A 195 21.48 3.25 5.20
CA ASP A 195 21.94 2.18 4.31
C ASP A 195 21.16 0.88 4.43
N LEU A 196 21.23 0.07 3.38
CA LEU A 196 20.58 -1.25 3.34
C LEU A 196 21.69 -2.18 2.89
N ASP A 197 22.68 -2.39 3.76
CA ASP A 197 23.83 -3.22 3.45
C ASP A 197 23.59 -4.70 3.26
N ASN A 198 23.90 -5.17 2.06
CA ASN A 198 23.79 -6.57 1.67
C ASN A 198 25.23 -6.98 1.32
N LYS A 199 25.78 -7.91 2.12
CA LYS A 199 27.15 -8.40 1.92
C LYS A 199 27.40 -9.05 0.55
N ASP A 200 26.73 -8.55 -0.48
CA ASP A 200 26.87 -9.05 -1.84
C ASP A 200 27.29 -7.93 -2.80
N GLY A 201 28.22 -7.08 -2.35
CA GLY A 201 28.73 -5.98 -3.16
C GLY A 201 27.76 -4.82 -3.42
N GLU A 202 26.54 -5.17 -3.77
CA GLU A 202 25.49 -4.17 -4.05
C GLU A 202 24.89 -3.64 -2.75
N VAL A 203 24.80 -2.33 -2.65
CA VAL A 203 24.20 -1.71 -1.49
C VAL A 203 23.17 -0.71 -1.97
N TYR A 204 22.16 -0.48 -1.14
CA TYR A 204 21.10 0.46 -1.48
C TYR A 204 20.83 1.38 -0.30
N CYS A 205 20.07 2.43 -0.54
CA CYS A 205 19.80 3.37 0.54
C CYS A 205 18.37 3.82 0.56
N ILE A 206 18.00 4.41 1.69
CA ILE A 206 16.69 4.98 1.85
C ILE A 206 16.98 6.45 2.14
N ASP A 207 16.78 7.29 1.13
CA ASP A 207 17.01 8.71 1.24
C ASP A 207 15.73 9.32 1.76
N ALA A 208 15.83 10.18 2.77
CA ALA A 208 14.65 10.80 3.35
C ALA A 208 14.62 12.31 3.21
N ARG A 209 15.60 12.87 2.50
CA ARG A 209 15.68 14.31 2.32
C ARG A 209 14.46 14.91 1.65
N PHE A 210 14.28 14.59 0.37
CA PHE A 210 13.17 15.10 -0.40
C PHE A 210 11.83 14.41 -0.11
N TYR A 211 11.89 13.14 0.28
CA TYR A 211 10.71 12.35 0.61
C TYR A 211 11.00 11.43 1.80
N GLY A 212 10.09 11.41 2.76
CA GLY A 212 10.25 10.56 3.93
C GLY A 212 9.13 10.77 4.92
N ASN A 213 9.23 10.17 6.10
CA ASN A 213 8.21 10.33 7.12
C ASN A 213 8.84 10.77 8.43
N VAL A 214 8.03 10.88 9.47
CA VAL A 214 8.49 11.32 10.79
C VAL A 214 9.90 10.86 11.14
N SER A 215 10.28 9.67 10.71
CA SER A 215 11.61 9.15 11.01
C SER A 215 12.76 10.03 10.57
N ARG A 216 12.54 10.94 9.63
CA ARG A 216 13.64 11.77 9.17
C ARG A 216 14.09 12.79 10.20
N PHE A 217 13.34 12.92 11.29
CA PHE A 217 13.64 13.86 12.35
C PHE A 217 14.20 13.23 13.63
N ILE A 218 14.11 11.91 13.72
CA ILE A 218 14.63 11.20 14.89
C ILE A 218 16.14 11.45 14.99
N ASN A 219 16.59 11.98 16.11
CA ASN A 219 18.01 12.26 16.33
C ASN A 219 18.80 10.99 16.65
N HIS A 220 20.13 11.12 16.66
CA HIS A 220 21.01 10.01 17.01
C HIS A 220 21.27 10.02 18.50
N HIS A 221 21.40 8.83 19.08
CA HIS A 221 21.68 8.70 20.50
C HIS A 221 22.62 7.49 20.62
N CYS A 222 23.67 7.62 21.44
CA CYS A 222 24.62 6.52 21.59
C CYS A 222 24.03 5.43 22.48
N GLU A 223 22.97 5.78 23.21
CA GLU A 223 22.25 4.84 24.08
C GLU A 223 20.80 4.89 23.58
N PRO A 224 20.56 4.34 22.38
CA PRO A 224 19.26 4.28 21.69
C PRO A 224 18.06 3.62 22.36
N ASN A 225 16.93 4.31 22.29
CA ASN A 225 15.69 3.79 22.84
C ASN A 225 14.90 3.11 21.69
N LEU A 226 15.34 3.31 20.46
CA LEU A 226 14.71 2.69 19.30
C LEU A 226 15.74 1.82 18.58
N VAL A 227 15.33 0.66 18.08
CA VAL A 227 16.26 -0.21 17.35
C VAL A 227 15.69 -0.61 15.98
N PRO A 228 16.44 -0.37 14.89
CA PRO A 228 15.94 -0.75 13.57
C PRO A 228 15.92 -2.25 13.38
N VAL A 229 14.81 -2.74 12.83
CA VAL A 229 14.62 -4.15 12.55
C VAL A 229 14.17 -4.33 11.09
N ARG A 230 14.91 -5.14 10.35
N ARG A 230 14.92 -5.13 10.36
CA ARG A 230 14.58 -5.41 8.97
CA ARG A 230 14.59 -5.38 8.96
C ARG A 230 13.32 -6.25 8.88
C ARG A 230 13.32 -6.24 8.88
N VAL A 231 12.34 -5.79 8.10
CA VAL A 231 11.08 -6.53 7.94
C VAL A 231 10.70 -6.71 6.48
N PHE A 232 10.16 -7.89 6.18
CA PHE A 232 9.74 -8.23 4.82
C PHE A 232 8.26 -8.52 4.79
N MET A 233 7.54 -7.90 3.86
CA MET A 233 6.12 -8.12 3.74
C MET A 233 5.81 -8.89 2.47
N ALA A 234 5.87 -8.21 1.34
CA ALA A 234 5.61 -8.88 0.07
C ALA A 234 6.17 -8.09 -1.10
N HIS A 235 6.70 -8.79 -2.10
CA HIS A 235 7.25 -8.15 -3.29
C HIS A 235 8.58 -7.43 -3.03
N GLN A 236 9.39 -8.02 -2.16
CA GLN A 236 10.70 -7.47 -1.85
C GLN A 236 11.69 -8.61 -1.64
N ASP A 237 12.89 -8.47 -2.20
CA ASP A 237 13.88 -9.50 -2.02
C ASP A 237 14.81 -8.99 -0.92
N LEU A 238 15.62 -9.89 -0.37
CA LEU A 238 16.54 -9.58 0.71
C LEU A 238 17.44 -8.34 0.53
N ARG A 239 17.47 -7.79 -0.68
CA ARG A 239 18.28 -6.60 -0.93
C ARG A 239 17.49 -5.40 -0.43
N PHE A 240 16.17 -5.48 -0.56
CA PHE A 240 15.30 -4.39 -0.17
C PHE A 240 14.37 -4.65 1.01
N PRO A 241 14.94 -4.81 2.22
CA PRO A 241 14.11 -5.06 3.40
C PRO A 241 13.47 -3.74 3.80
N ARG A 242 12.71 -3.74 4.88
CA ARG A 242 12.12 -2.50 5.34
C ARG A 242 12.63 -2.21 6.73
N ILE A 243 12.82 -0.95 7.06
CA ILE A 243 13.33 -0.61 8.36
C ILE A 243 12.23 -0.14 9.30
N ALA A 244 11.97 -0.99 10.28
CA ALA A 244 10.94 -0.74 11.27
C ALA A 244 11.57 -0.52 12.62
N PHE A 245 11.34 0.65 13.20
CA PHE A 245 11.88 0.94 14.51
C PHE A 245 11.03 0.37 15.66
N PHE A 246 11.70 -0.18 16.64
CA PHE A 246 11.03 -0.71 17.79
C PHE A 246 11.65 -0.10 19.06
N SER A 247 10.86 -0.06 20.12
CA SER A 247 11.33 0.47 21.38
C SER A 247 12.16 -0.62 22.09
N THR A 248 13.33 -0.25 22.58
CA THR A 248 14.21 -1.17 23.28
C THR A 248 14.08 -1.13 24.80
N ARG A 249 13.06 -0.44 25.29
CA ARG A 249 12.83 -0.33 26.72
C ARG A 249 11.65 0.61 26.85
N LEU A 250 11.18 0.82 28.06
CA LEU A 250 10.04 1.72 28.23
C LEU A 250 10.46 3.12 27.82
N ILE A 251 9.72 3.71 26.89
CA ILE A 251 10.02 5.06 26.45
C ILE A 251 8.90 5.88 27.06
N GLU A 252 9.21 6.50 28.20
CA GLU A 252 8.23 7.30 28.92
C GLU A 252 7.74 8.55 28.22
N ALA A 253 6.42 8.73 28.28
CA ALA A 253 5.75 9.85 27.66
C ALA A 253 6.61 11.11 27.77
N GLY A 254 6.83 11.74 26.63
CA GLY A 254 7.64 12.94 26.59
C GLY A 254 9.07 12.69 26.16
N GLU A 255 9.56 11.46 26.31
CA GLU A 255 10.95 11.16 25.95
C GLU A 255 11.26 11.40 24.46
N GLN A 256 12.52 11.71 24.17
CA GLN A 256 12.93 11.96 22.81
C GLN A 256 13.40 10.68 22.18
N LEU A 257 12.81 10.33 21.04
CA LEU A 257 13.18 9.10 20.35
C LEU A 257 14.56 9.22 19.72
N GLY A 258 15.26 8.11 19.62
CA GLY A 258 16.58 8.12 19.01
C GLY A 258 17.11 6.74 18.69
N PHE A 259 17.91 6.62 17.64
CA PHE A 259 18.50 5.35 17.28
C PHE A 259 19.96 5.55 16.93
N ASP A 260 20.72 4.46 16.93
CA ASP A 260 22.15 4.52 16.65
C ASP A 260 22.42 4.67 15.15
N TYR A 261 22.76 5.87 14.69
CA TYR A 261 23.03 6.08 13.27
C TYR A 261 24.04 5.06 12.75
N GLY A 262 25.11 4.86 13.51
CA GLY A 262 26.11 3.90 13.12
C GLY A 262 27.46 4.42 12.64
N GLU A 263 28.38 3.47 12.47
CA GLU A 263 29.73 3.70 11.99
C GLU A 263 29.73 4.55 10.72
N ARG A 264 28.94 4.12 9.75
N ARG A 264 28.94 4.13 9.74
CA ARG A 264 28.80 4.79 8.46
CA ARG A 264 28.83 4.81 8.46
C ARG A 264 28.64 6.31 8.55
C ARG A 264 28.65 6.32 8.56
N PHE A 265 27.59 6.75 9.23
CA PHE A 265 27.32 8.19 9.40
C PHE A 265 28.45 8.97 10.07
N TRP A 266 28.76 8.63 11.33
CA TRP A 266 29.79 9.32 12.09
C TRP A 266 31.19 9.35 11.46
N ASP A 267 31.36 8.64 10.35
CA ASP A 267 32.64 8.63 9.66
C ASP A 267 32.73 9.84 8.74
N ILE A 268 31.62 10.16 8.08
CA ILE A 268 31.57 11.29 7.15
C ILE A 268 31.15 12.60 7.83
N LYS A 269 30.26 12.52 8.83
CA LYS A 269 29.82 13.72 9.54
C LYS A 269 30.55 13.86 10.88
N GLY A 270 31.05 12.75 11.40
CA GLY A 270 31.76 12.78 12.68
C GLY A 270 32.92 13.75 12.75
N LYS A 271 33.18 14.44 11.65
CA LYS A 271 34.27 15.41 11.60
C LYS A 271 33.78 16.81 11.23
N LEU A 272 32.47 17.00 11.25
CA LEU A 272 31.90 18.30 10.91
C LEU A 272 31.30 18.90 12.18
N PHE A 273 31.06 18.04 13.16
CA PHE A 273 30.51 18.44 14.45
C PHE A 273 30.65 17.26 15.39
N SER A 274 30.54 17.53 16.69
CA SER A 274 30.67 16.46 17.66
C SER A 274 29.27 16.01 18.05
N CYS A 275 29.16 14.75 18.45
CA CYS A 275 27.88 14.18 18.88
C CYS A 275 27.34 14.92 20.10
N ARG A 276 26.29 15.73 19.88
CA ARG A 276 25.69 16.50 20.97
C ARG A 276 24.58 15.71 21.65
N CYS A 277 24.90 14.48 22.04
CA CYS A 277 23.94 13.63 22.72
C CYS A 277 23.97 13.86 24.21
N GLY A 278 25.15 14.12 24.73
CA GLY A 278 25.31 14.36 26.16
C GLY A 278 24.94 13.16 27.00
N SER A 279 25.31 11.96 26.54
CA SER A 279 25.00 10.75 27.27
C SER A 279 26.25 10.16 27.92
N PRO A 280 26.14 9.82 29.22
CA PRO A 280 27.23 9.24 30.02
C PRO A 280 27.71 7.89 29.50
N LYS A 281 28.10 7.87 28.23
CA LYS A 281 28.60 6.68 27.58
C LYS A 281 28.74 6.98 26.10
N CYS A 282 28.49 8.24 25.73
CA CYS A 282 28.59 8.67 24.34
C CYS A 282 29.88 8.16 23.75
N ARG A 283 30.00 8.17 22.43
CA ARG A 283 31.21 7.68 21.80
C ARG A 283 31.56 8.33 20.46
N HIS A 284 31.19 9.59 20.30
CA HIS A 284 31.47 10.34 19.08
C HIS A 284 31.77 11.81 19.37
N ILE B 28 -19.28 -23.90 2.01
CA ILE B 28 -20.39 -23.16 1.35
C ILE B 28 -20.80 -21.94 2.18
N VAL B 29 -20.91 -20.79 1.51
CA VAL B 29 -21.26 -19.49 2.11
C VAL B 29 -20.25 -19.01 3.16
N SER B 30 -19.39 -18.09 2.74
CA SER B 30 -18.36 -17.51 3.60
C SER B 30 -18.83 -16.17 4.16
N ARG B 31 -18.21 -15.71 5.24
CA ARG B 31 -18.62 -14.42 5.79
C ARG B 31 -17.78 -13.27 5.24
N ASP B 32 -16.89 -13.59 4.31
CA ASP B 32 -16.04 -12.59 3.67
C ASP B 32 -15.01 -13.25 2.75
N ILE B 33 -15.22 -13.18 1.45
CA ILE B 33 -14.28 -13.81 0.52
C ILE B 33 -12.98 -13.02 0.43
N ALA B 34 -12.96 -11.83 1.01
CA ALA B 34 -11.76 -11.00 0.99
C ALA B 34 -10.83 -11.29 2.17
N ARG B 35 -11.27 -12.18 3.08
CA ARG B 35 -10.51 -12.56 4.27
C ARG B 35 -10.00 -11.39 5.09
N GLY B 36 -10.80 -10.33 5.15
CA GLY B 36 -10.42 -9.17 5.94
C GLY B 36 -9.59 -8.14 5.21
N TYR B 37 -9.34 -8.35 3.92
CA TYR B 37 -8.55 -7.42 3.14
C TYR B 37 -9.21 -6.07 2.76
N GLU B 38 -10.52 -6.08 2.53
CA GLU B 38 -11.23 -4.84 2.18
C GLU B 38 -11.67 -4.06 3.43
N ARG B 39 -12.26 -2.88 3.24
CA ARG B 39 -12.72 -2.05 4.38
C ARG B 39 -14.04 -2.58 4.92
N ILE B 40 -14.81 -3.25 4.06
CA ILE B 40 -16.07 -3.87 4.47
C ILE B 40 -15.99 -5.31 4.03
N PRO B 41 -16.55 -6.22 4.82
CA PRO B 41 -16.52 -7.64 4.47
C PRO B 41 -17.48 -7.96 3.30
N ILE B 42 -17.10 -8.91 2.45
CA ILE B 42 -17.94 -9.26 1.32
C ILE B 42 -18.43 -10.70 1.49
N PRO B 43 -19.63 -10.87 2.03
CA PRO B 43 -20.22 -12.18 2.25
C PRO B 43 -20.50 -12.91 0.94
N CYS B 44 -20.82 -14.20 1.07
CA CYS B 44 -21.14 -15.03 -0.08
C CYS B 44 -22.29 -15.94 0.31
N VAL B 45 -23.41 -15.80 -0.39
CA VAL B 45 -24.59 -16.61 -0.13
C VAL B 45 -25.02 -17.39 -1.36
N ASN B 46 -25.47 -18.63 -1.12
CA ASN B 46 -25.93 -19.49 -2.21
C ASN B 46 -27.37 -19.88 -1.95
N ALA B 47 -28.31 -19.13 -2.52
CA ALA B 47 -29.73 -19.38 -2.32
C ALA B 47 -30.38 -20.12 -3.48
N VAL B 48 -29.65 -21.03 -4.10
CA VAL B 48 -30.17 -21.78 -5.23
C VAL B 48 -29.66 -23.21 -5.23
N ASP B 49 -28.46 -23.42 -5.76
CA ASP B 49 -27.90 -24.76 -5.79
C ASP B 49 -27.09 -25.04 -4.53
N SER B 50 -26.10 -25.92 -4.64
CA SER B 50 -25.25 -26.25 -3.50
C SER B 50 -23.76 -26.10 -3.85
N GLU B 51 -23.46 -25.07 -4.61
CA GLU B 51 -22.09 -24.78 -5.03
C GLU B 51 -21.36 -24.05 -3.90
N PRO B 52 -20.32 -24.68 -3.33
CA PRO B 52 -19.58 -24.03 -2.24
C PRO B 52 -18.85 -22.78 -2.74
N CYS B 53 -19.04 -21.65 -2.06
CA CYS B 53 -18.39 -20.41 -2.47
C CYS B 53 -16.97 -20.67 -2.96
N PRO B 54 -16.73 -20.41 -4.26
CA PRO B 54 -15.42 -20.62 -4.89
C PRO B 54 -14.26 -20.39 -3.96
N SER B 55 -13.23 -21.23 -4.13
CA SER B 55 -12.03 -21.14 -3.32
C SER B 55 -10.87 -21.68 -4.16
N ASN B 56 -10.98 -21.49 -5.47
CA ASN B 56 -9.96 -21.95 -6.40
C ASN B 56 -9.24 -20.76 -7.04
N TYR B 57 -9.06 -19.69 -6.26
CA TYR B 57 -8.37 -18.48 -6.71
C TYR B 57 -7.90 -17.76 -5.45
N LYS B 58 -7.05 -16.75 -5.63
CA LYS B 58 -6.52 -16.00 -4.49
C LYS B 58 -7.05 -14.57 -4.50
N TYR B 59 -7.76 -14.19 -3.45
CA TYR B 59 -8.30 -12.84 -3.39
C TYR B 59 -7.28 -11.79 -3.00
N VAL B 60 -7.08 -10.84 -3.90
CA VAL B 60 -6.15 -9.74 -3.68
C VAL B 60 -6.91 -8.46 -3.86
N SER B 61 -6.80 -7.56 -2.89
CA SER B 61 -7.49 -6.29 -2.95
C SER B 61 -6.78 -5.36 -3.92
N GLN B 62 -5.57 -5.75 -4.34
CA GLN B 62 -4.79 -4.95 -5.28
C GLN B 62 -3.94 -5.84 -6.18
N ASN B 63 -3.67 -5.33 -7.38
CA ASN B 63 -2.90 -6.05 -8.40
C ASN B 63 -1.56 -6.65 -7.99
N CYS B 64 -0.99 -7.45 -8.91
CA CYS B 64 0.30 -8.10 -8.71
C CYS B 64 1.16 -7.98 -9.97
N VAL B 65 2.40 -7.51 -9.77
CA VAL B 65 3.37 -7.34 -10.87
C VAL B 65 3.74 -8.67 -11.54
N THR B 66 3.64 -9.77 -10.78
CA THR B 66 3.94 -11.11 -11.28
C THR B 66 5.42 -11.36 -11.61
N SER B 67 5.79 -11.18 -12.88
CA SER B 67 7.16 -11.42 -13.33
C SER B 67 7.69 -10.52 -14.45
N PRO B 68 6.80 -9.93 -15.29
CA PRO B 68 7.23 -9.05 -16.39
C PRO B 68 8.00 -7.79 -16.04
N MET B 69 8.54 -7.71 -14.82
CA MET B 69 9.31 -6.54 -14.38
C MET B 69 8.43 -5.30 -14.24
N ASN B 70 9.01 -4.13 -14.54
CA ASN B 70 8.29 -2.86 -14.45
C ASN B 70 9.21 -1.67 -14.72
N ILE B 71 8.65 -0.60 -15.27
CA ILE B 71 9.41 0.60 -15.58
C ILE B 71 8.61 1.88 -15.29
N ASP B 72 9.14 3.02 -15.73
CA ASP B 72 8.49 4.33 -15.53
C ASP B 72 8.20 4.61 -14.05
N ARG B 73 9.16 4.27 -13.20
CA ARG B 73 9.04 4.47 -11.75
C ARG B 73 8.98 5.95 -11.33
N ASN B 74 10.00 6.39 -10.60
CA ASN B 74 10.09 7.76 -10.10
C ASN B 74 9.69 8.81 -11.14
N ILE B 75 9.73 8.40 -12.42
CA ILE B 75 9.39 9.27 -13.53
C ILE B 75 7.97 9.84 -13.43
N THR B 76 7.06 9.06 -12.86
CA THR B 76 5.67 9.48 -12.72
C THR B 76 5.47 10.69 -11.81
N HIS B 77 6.55 11.19 -11.21
CA HIS B 77 6.47 12.37 -10.34
C HIS B 77 6.30 13.64 -11.17
N LEU B 78 5.70 13.48 -12.34
CA LEU B 78 5.45 14.58 -13.25
C LEU B 78 4.03 15.05 -13.08
N GLN B 79 3.12 14.10 -12.87
CA GLN B 79 1.72 14.43 -12.68
C GLN B 79 1.44 14.65 -11.18
N TYR B 80 1.09 15.88 -10.84
CA TYR B 80 0.80 16.22 -9.45
C TYR B 80 0.22 17.60 -9.41
N CYS B 81 -0.52 17.92 -8.36
CA CYS B 81 -1.11 19.25 -8.25
C CYS B 81 -0.51 20.04 -7.06
N VAL B 82 -0.72 21.35 -7.05
CA VAL B 82 -0.20 22.18 -5.98
C VAL B 82 -1.37 22.90 -5.30
N CYS B 83 -2.45 22.18 -5.08
CA CYS B 83 -3.62 22.76 -4.45
C CYS B 83 -3.45 22.99 -2.95
N ILE B 84 -4.14 24.01 -2.46
CA ILE B 84 -4.12 24.37 -1.05
C ILE B 84 -5.53 24.14 -0.54
N ASP B 85 -6.25 23.26 -1.24
CA ASP B 85 -7.62 22.91 -0.89
C ASP B 85 -7.76 21.39 -0.79
N ASP B 86 -8.91 20.87 -1.17
CA ASP B 86 -9.13 19.44 -1.15
C ASP B 86 -9.38 19.03 -2.59
N CYS B 87 -8.86 19.86 -3.50
CA CYS B 87 -8.99 19.64 -4.92
C CYS B 87 -10.42 19.58 -5.41
N SER B 88 -11.20 20.55 -4.98
CA SER B 88 -12.60 20.69 -5.36
C SER B 88 -12.59 21.76 -6.44
N SER B 89 -11.67 22.71 -6.29
CA SER B 89 -11.51 23.81 -7.23
C SER B 89 -11.28 23.30 -8.64
N SER B 90 -11.37 24.19 -9.60
CA SER B 90 -11.18 23.84 -11.00
C SER B 90 -9.73 23.96 -11.44
N ASN B 91 -8.85 24.36 -10.54
CA ASN B 91 -7.43 24.55 -10.84
C ASN B 91 -6.55 23.34 -10.52
N CYS B 92 -7.18 22.28 -10.06
CA CYS B 92 -6.47 21.07 -9.72
C CYS B 92 -5.78 20.51 -10.96
N MET B 93 -4.46 20.72 -11.03
CA MET B 93 -3.68 20.27 -12.17
C MET B 93 -3.76 18.77 -12.38
N CYS B 94 -4.49 18.07 -11.50
CA CYS B 94 -4.66 16.63 -11.61
C CYS B 94 -6.03 16.36 -12.20
N GLY B 95 -7.03 17.07 -11.68
CA GLY B 95 -8.39 16.91 -12.16
C GLY B 95 -8.58 17.42 -13.57
N GLN B 96 -7.71 18.32 -14.00
CA GLN B 96 -7.79 18.89 -15.35
C GLN B 96 -7.36 17.89 -16.41
N LEU B 97 -6.26 17.18 -16.17
CA LEU B 97 -5.77 16.18 -17.12
C LEU B 97 -6.85 15.13 -17.35
N SER B 98 -7.82 15.07 -16.43
CA SER B 98 -8.90 14.11 -16.50
C SER B 98 -9.97 14.63 -17.46
N MET B 99 -9.78 15.86 -17.94
CA MET B 99 -10.71 16.50 -18.87
C MET B 99 -9.94 17.38 -19.86
N ARG B 100 -8.75 16.91 -20.28
CA ARG B 100 -7.91 17.66 -21.21
C ARG B 100 -6.95 16.74 -21.99
N CYS B 101 -6.81 17.01 -23.29
CA CYS B 101 -5.95 16.23 -24.17
C CYS B 101 -6.26 14.74 -24.10
N PRO B 118 -14.77 6.42 -22.70
CA PRO B 118 -14.75 6.58 -21.24
C PRO B 118 -13.37 6.90 -20.66
N PRO B 119 -12.49 7.55 -21.44
CA PRO B 119 -11.13 7.93 -21.06
C PRO B 119 -10.72 8.21 -19.61
N LEU B 120 -9.42 8.44 -19.49
CA LEU B 120 -8.68 8.70 -18.26
C LEU B 120 -9.23 9.50 -17.09
N ILE B 121 -8.53 9.34 -15.98
CA ILE B 121 -8.77 9.98 -14.70
C ILE B 121 -7.43 9.86 -13.97
N PHE B 122 -6.95 10.99 -13.43
CA PHE B 122 -5.69 11.05 -12.71
C PHE B 122 -6.00 11.35 -11.26
N GLU B 123 -5.37 10.64 -10.35
CA GLU B 123 -5.64 10.87 -8.93
C GLU B 123 -4.48 11.56 -8.23
N CYS B 124 -4.77 12.22 -7.13
CA CYS B 124 -3.73 12.88 -6.40
C CYS B 124 -2.87 11.77 -5.82
N ASN B 125 -1.61 12.09 -5.58
CA ASN B 125 -0.66 11.13 -5.05
C ASN B 125 0.27 11.84 -4.09
N HIS B 126 1.24 11.13 -3.53
CA HIS B 126 2.15 11.73 -2.56
C HIS B 126 3.00 12.89 -3.09
N ALA B 127 3.11 13.04 -4.40
CA ALA B 127 3.89 14.16 -4.91
C ALA B 127 3.06 15.42 -4.82
N CYS B 128 1.75 15.27 -4.87
CA CYS B 128 0.84 16.41 -4.80
C CYS B 128 1.00 17.19 -3.49
N SER B 129 0.40 18.38 -3.44
CA SER B 129 0.50 19.24 -2.25
C SER B 129 -0.69 19.11 -1.34
N CYS B 130 -1.76 18.56 -1.88
CA CYS B 130 -2.99 18.38 -1.13
C CYS B 130 -2.81 17.40 0.02
N TRP B 131 -3.82 17.31 0.88
CA TRP B 131 -3.84 16.40 2.02
C TRP B 131 -4.35 15.01 1.60
N ARG B 132 -3.89 13.97 2.30
CA ARG B 132 -4.28 12.59 1.99
C ARG B 132 -5.80 12.38 1.87
N ASN B 133 -6.58 13.30 2.42
CA ASN B 133 -8.05 13.20 2.37
C ASN B 133 -8.74 14.14 1.39
N CYS B 134 -8.06 14.54 0.32
CA CYS B 134 -8.66 15.43 -0.68
C CYS B 134 -9.72 14.63 -1.46
N ARG B 135 -10.61 15.32 -2.17
CA ARG B 135 -11.65 14.61 -2.88
C ARG B 135 -11.25 13.93 -4.17
N ASN B 136 -9.94 13.82 -4.43
CA ASN B 136 -9.48 13.18 -5.66
C ASN B 136 -8.64 11.90 -5.49
N ARG B 137 -8.93 11.12 -4.45
CA ARG B 137 -8.19 9.88 -4.22
C ARG B 137 -9.14 8.67 -4.15
N VAL B 138 -10.42 8.90 -4.45
CA VAL B 138 -11.51 7.91 -4.43
C VAL B 138 -11.16 6.46 -4.80
N VAL B 139 -10.61 6.25 -5.97
CA VAL B 139 -10.26 4.89 -6.38
C VAL B 139 -9.38 4.24 -5.33
N GLN B 140 -8.24 4.85 -5.02
CA GLN B 140 -7.31 4.29 -4.04
C GLN B 140 -7.78 4.29 -2.57
N ASN B 141 -8.96 4.85 -2.30
CA ASN B 141 -9.49 4.83 -0.95
C ASN B 141 -10.24 3.50 -0.74
N GLY B 142 -10.11 2.61 -1.73
CA GLY B 142 -10.72 1.29 -1.65
C GLY B 142 -12.23 1.18 -1.70
N LEU B 143 -12.72 -0.07 -1.69
CA LEU B 143 -14.13 -0.37 -1.70
C LEU B 143 -14.78 0.09 -0.40
N ARG B 144 -16.00 0.61 -0.49
CA ARG B 144 -16.71 1.08 0.69
C ARG B 144 -18.18 0.65 0.60
N ALA B 145 -18.61 0.25 -0.58
CA ALA B 145 -19.99 -0.19 -0.77
C ALA B 145 -20.17 -1.62 -0.30
N ARG B 146 -21.32 -1.91 0.30
CA ARG B 146 -21.60 -3.25 0.79
C ARG B 146 -22.19 -4.16 -0.30
N LEU B 147 -21.30 -4.92 -0.94
CA LEU B 147 -21.68 -5.83 -2.02
C LEU B 147 -21.79 -7.25 -1.47
N GLN B 148 -22.31 -8.16 -2.31
CA GLN B 148 -22.50 -9.56 -1.93
C GLN B 148 -22.38 -10.54 -3.11
N LEU B 149 -21.49 -11.51 -2.96
CA LEU B 149 -21.27 -12.53 -3.97
C LEU B 149 -22.43 -13.50 -3.81
N TYR B 150 -23.33 -13.55 -4.79
CA TYR B 150 -24.48 -14.44 -4.69
C TYR B 150 -24.54 -15.40 -5.85
N ARG B 151 -25.27 -16.49 -5.65
CA ARG B 151 -25.42 -17.50 -6.68
C ARG B 151 -26.62 -17.22 -7.58
N THR B 152 -26.38 -16.79 -8.82
CA THR B 152 -27.46 -16.50 -9.74
C THR B 152 -28.08 -17.78 -10.27
N ARG B 153 -29.29 -17.66 -10.79
CA ARG B 153 -29.99 -18.81 -11.32
C ARG B 153 -29.48 -19.24 -12.71
N ASP B 154 -28.85 -18.32 -13.45
CA ASP B 154 -28.38 -18.68 -14.78
C ASP B 154 -26.91 -18.45 -15.11
N MET B 155 -26.36 -17.31 -14.70
CA MET B 155 -24.97 -17.01 -15.03
C MET B 155 -23.97 -17.44 -13.95
N GLY B 156 -24.35 -18.41 -13.13
CA GLY B 156 -23.46 -18.86 -12.07
C GLY B 156 -23.43 -17.83 -10.95
N TRP B 157 -22.24 -17.52 -10.45
CA TRP B 157 -22.11 -16.54 -9.38
C TRP B 157 -22.28 -15.11 -9.87
N GLY B 158 -22.65 -14.23 -8.96
CA GLY B 158 -22.84 -12.84 -9.31
C GLY B 158 -22.59 -11.91 -8.15
N VAL B 159 -22.47 -10.62 -8.44
CA VAL B 159 -22.23 -9.64 -7.41
C VAL B 159 -23.28 -8.57 -7.48
N ARG B 160 -23.97 -8.34 -6.38
CA ARG B 160 -25.02 -7.34 -6.33
C ARG B 160 -24.74 -6.39 -5.18
N SER B 161 -25.31 -5.20 -5.24
CA SER B 161 -25.12 -4.24 -4.16
C SER B 161 -26.21 -4.52 -3.15
N LEU B 162 -25.89 -4.42 -1.88
CA LEU B 162 -26.85 -4.66 -0.81
C LEU B 162 -27.29 -3.31 -0.27
N GLN B 163 -26.85 -2.26 -0.95
CA GLN B 163 -27.20 -0.92 -0.54
C GLN B 163 -27.45 -0.09 -1.79
N ASP B 164 -27.91 1.13 -1.60
CA ASP B 164 -28.19 2.04 -2.70
C ASP B 164 -26.91 2.76 -3.10
N ILE B 165 -26.73 2.95 -4.40
CA ILE B 165 -25.53 3.64 -4.89
C ILE B 165 -25.91 4.79 -5.81
N PRO B 166 -25.37 6.00 -5.54
CA PRO B 166 -25.66 7.17 -6.38
C PRO B 166 -24.97 7.02 -7.75
N PRO B 167 -25.47 7.75 -8.76
CA PRO B 167 -24.89 7.67 -10.10
C PRO B 167 -23.47 8.27 -10.12
N GLY B 168 -22.63 7.81 -11.03
CA GLY B 168 -21.29 8.34 -11.11
C GLY B 168 -20.49 8.16 -9.84
N THR B 169 -20.77 7.09 -9.12
CA THR B 169 -20.04 6.82 -7.89
C THR B 169 -19.07 5.66 -8.11
N PHE B 170 -17.87 5.76 -7.54
CA PHE B 170 -16.91 4.67 -7.68
C PHE B 170 -17.43 3.50 -6.87
N VAL B 171 -17.17 2.29 -7.35
CA VAL B 171 -17.64 1.12 -6.66
C VAL B 171 -16.53 0.12 -6.40
N CYS B 172 -15.66 -0.10 -7.37
CA CYS B 172 -14.56 -1.05 -7.20
C CYS B 172 -13.74 -1.12 -8.47
N GLU B 173 -12.50 -1.57 -8.34
CA GLU B 173 -11.66 -1.67 -9.51
C GLU B 173 -11.47 -3.12 -9.88
N TYR B 174 -11.14 -3.38 -11.14
CA TYR B 174 -10.93 -4.74 -11.59
C TYR B 174 -9.50 -5.20 -11.33
N VAL B 175 -9.29 -5.76 -10.16
CA VAL B 175 -7.99 -6.24 -9.74
C VAL B 175 -7.69 -7.68 -10.18
N GLY B 176 -6.50 -7.88 -10.72
CA GLY B 176 -6.05 -9.19 -11.16
C GLY B 176 -4.53 -9.21 -11.20
N GLU B 177 -3.94 -10.10 -11.98
CA GLU B 177 -2.49 -10.17 -12.12
C GLU B 177 -2.13 -9.55 -13.46
N LEU B 178 -1.06 -8.77 -13.50
CA LEU B 178 -0.65 -8.10 -14.74
C LEU B 178 0.14 -8.99 -15.70
N ILE B 179 -0.47 -9.31 -16.84
CA ILE B 179 0.20 -10.15 -17.83
C ILE B 179 0.55 -9.35 -19.08
N SER B 180 0.88 -10.05 -20.16
CA SER B 180 1.26 -9.42 -21.42
C SER B 180 0.37 -9.87 -22.57
N ASP B 181 0.41 -9.12 -23.67
CA ASP B 181 -0.38 -9.43 -24.86
C ASP B 181 0.08 -10.76 -25.42
N SER B 182 1.31 -11.12 -25.08
CA SER B 182 1.92 -12.37 -25.51
C SER B 182 1.38 -13.57 -24.70
N GLU B 183 1.57 -13.51 -23.40
CA GLU B 183 1.10 -14.57 -22.49
C GLU B 183 -0.40 -14.77 -22.67
N ALA B 184 -1.10 -13.68 -22.95
CA ALA B 184 -2.54 -13.71 -23.15
C ALA B 184 -2.96 -14.78 -24.15
N ASP B 185 -2.16 -14.95 -25.20
CA ASP B 185 -2.48 -15.95 -26.21
C ASP B 185 -2.07 -17.33 -25.70
N VAL B 186 -1.33 -17.34 -24.60
CA VAL B 186 -0.86 -18.58 -24.00
C VAL B 186 -1.97 -19.28 -23.21
N ARG B 187 -2.50 -18.58 -22.20
CA ARG B 187 -3.54 -19.12 -21.34
C ARG B 187 -4.78 -19.63 -22.05
N GLU B 188 -5.23 -20.80 -21.62
CA GLU B 188 -6.40 -21.44 -22.20
C GLU B 188 -7.69 -20.82 -21.67
N GLU B 189 -7.76 -20.61 -20.36
CA GLU B 189 -8.94 -20.01 -19.74
C GLU B 189 -8.78 -18.50 -19.75
N ASP B 190 -9.48 -17.86 -20.68
CA ASP B 190 -9.42 -16.42 -20.87
C ASP B 190 -10.71 -15.75 -20.43
N SER B 191 -11.61 -16.53 -19.85
CA SER B 191 -12.89 -16.03 -19.39
C SER B 191 -12.78 -14.97 -18.29
N TYR B 192 -11.56 -14.63 -17.88
CA TYR B 192 -11.35 -13.64 -16.81
C TYR B 192 -10.31 -12.59 -17.20
N LEU B 193 -10.34 -12.14 -18.44
CA LEU B 193 -9.37 -11.15 -18.90
C LEU B 193 -9.95 -9.76 -19.07
N PHE B 194 -9.06 -8.78 -19.09
CA PHE B 194 -9.45 -7.40 -19.28
C PHE B 194 -8.28 -6.72 -20.02
N ASP B 195 -8.45 -6.48 -21.31
CA ASP B 195 -7.39 -5.86 -22.13
C ASP B 195 -7.19 -4.40 -21.75
N LEU B 196 -5.95 -3.92 -21.89
CA LEU B 196 -5.60 -2.55 -21.55
C LEU B 196 -5.56 -1.59 -22.73
N ASP B 197 -4.59 -1.78 -23.64
CA ASP B 197 -4.43 -0.94 -24.84
C ASP B 197 -3.69 0.37 -24.56
N ASN B 198 -2.40 0.27 -24.23
CA ASN B 198 -1.59 1.44 -23.91
C ASN B 198 -1.24 2.34 -25.11
N LYS B 199 -2.24 2.70 -25.92
CA LYS B 199 -2.04 3.56 -27.09
C LYS B 199 -1.21 2.87 -28.18
N ASP B 200 0.00 2.43 -27.84
CA ASP B 200 0.88 1.75 -28.78
C ASP B 200 0.49 0.28 -28.87
N GLY B 201 1.20 -0.47 -29.74
CA GLY B 201 0.91 -1.87 -29.89
C GLY B 201 1.43 -2.74 -28.75
N GLU B 202 2.02 -2.09 -27.75
CA GLU B 202 2.56 -2.81 -26.59
C GLU B 202 1.50 -3.73 -25.99
N VAL B 203 0.35 -3.16 -25.64
CA VAL B 203 -0.76 -3.91 -25.06
C VAL B 203 -0.41 -4.65 -23.78
N TYR B 204 -1.45 -5.04 -23.05
CA TYR B 204 -1.32 -5.76 -21.80
C TYR B 204 -2.71 -6.25 -21.41
N CYS B 205 -2.80 -6.95 -20.29
CA CYS B 205 -4.08 -7.46 -19.83
C CYS B 205 -4.13 -7.53 -18.31
N ILE B 206 -5.24 -8.06 -17.81
CA ILE B 206 -5.46 -8.25 -16.39
C ILE B 206 -6.31 -9.50 -16.28
N ASP B 207 -5.70 -10.58 -15.79
CA ASP B 207 -6.40 -11.84 -15.63
C ASP B 207 -6.65 -12.06 -14.15
N ALA B 208 -7.92 -12.28 -13.81
CA ALA B 208 -8.31 -12.49 -12.43
C ALA B 208 -8.70 -13.94 -12.21
N ARG B 209 -8.02 -14.84 -12.91
CA ARG B 209 -8.30 -16.27 -12.78
C ARG B 209 -7.72 -16.86 -11.49
N PHE B 210 -6.46 -16.55 -11.22
CA PHE B 210 -5.79 -17.05 -10.04
C PHE B 210 -5.74 -15.99 -8.96
N TYR B 211 -5.53 -14.74 -9.37
CA TYR B 211 -5.48 -13.62 -8.45
C TYR B 211 -6.54 -12.58 -8.84
N GLY B 212 -7.36 -12.16 -7.89
CA GLY B 212 -8.38 -11.19 -8.22
C GLY B 212 -9.23 -10.77 -7.04
N ASN B 213 -10.02 -9.72 -7.23
CA ASN B 213 -10.89 -9.23 -6.18
C ASN B 213 -12.34 -9.49 -6.57
N VAL B 214 -13.27 -8.92 -5.81
CA VAL B 214 -14.69 -9.11 -6.06
C VAL B 214 -15.14 -8.82 -7.48
N SER B 215 -14.29 -8.18 -8.26
CA SER B 215 -14.64 -7.82 -9.63
C SER B 215 -14.70 -8.99 -10.61
N ARG B 216 -14.00 -10.08 -10.31
CA ARG B 216 -14.00 -11.24 -11.23
C ARG B 216 -15.33 -11.99 -11.26
N PHE B 217 -16.27 -11.63 -10.39
CA PHE B 217 -17.58 -12.28 -10.35
C PHE B 217 -18.69 -11.42 -10.97
N ILE B 218 -18.33 -10.22 -11.39
CA ILE B 218 -19.30 -9.34 -12.01
C ILE B 218 -19.55 -9.84 -13.42
N ASN B 219 -20.79 -10.24 -13.68
CA ASN B 219 -21.17 -10.75 -15.00
C ASN B 219 -21.36 -9.63 -15.99
N HIS B 220 -21.60 -10.02 -17.24
CA HIS B 220 -21.81 -9.08 -18.32
C HIS B 220 -23.24 -8.55 -18.38
N HIS B 221 -23.42 -7.41 -19.04
CA HIS B 221 -24.73 -6.83 -19.23
C HIS B 221 -24.62 -5.86 -20.40
N CYS B 222 -25.72 -5.68 -21.12
CA CYS B 222 -25.74 -4.82 -22.30
C CYS B 222 -26.24 -3.41 -22.00
N GLU B 223 -26.72 -3.20 -20.79
CA GLU B 223 -27.15 -1.88 -20.33
C GLU B 223 -26.49 -1.78 -18.95
N PRO B 224 -25.17 -2.01 -18.90
CA PRO B 224 -24.42 -1.97 -17.63
C PRO B 224 -24.65 -0.75 -16.76
N ASN B 225 -24.72 -0.99 -15.45
CA ASN B 225 -24.90 0.06 -14.45
C ASN B 225 -23.50 0.40 -13.95
N LEU B 226 -22.51 -0.12 -14.65
CA LEU B 226 -21.10 0.10 -14.34
C LEU B 226 -20.35 0.27 -15.64
N VAL B 227 -19.42 1.21 -15.64
CA VAL B 227 -18.59 1.47 -16.79
C VAL B 227 -17.15 1.44 -16.27
N PRO B 228 -16.23 0.84 -17.03
CA PRO B 228 -14.83 0.80 -16.55
C PRO B 228 -14.12 2.09 -16.91
N VAL B 229 -13.39 2.68 -15.97
CA VAL B 229 -12.67 3.92 -16.23
C VAL B 229 -11.21 3.72 -15.97
N ARG B 230 -10.36 4.34 -16.79
CA ARG B 230 -8.93 4.18 -16.60
C ARG B 230 -8.50 5.12 -15.49
N VAL B 231 -7.53 4.68 -14.68
CA VAL B 231 -7.04 5.48 -13.56
C VAL B 231 -5.52 5.47 -13.57
N PHE B 232 -4.95 6.59 -13.13
CA PHE B 232 -3.50 6.77 -13.08
C PHE B 232 -3.16 7.63 -11.87
N MET B 233 -2.04 7.34 -11.22
CA MET B 233 -1.60 8.17 -10.09
C MET B 233 -0.22 7.90 -9.49
N ALA B 234 0.02 6.69 -8.99
CA ALA B 234 1.31 6.39 -8.37
C ALA B 234 2.46 6.37 -9.37
N HIS B 235 3.05 5.20 -9.55
CA HIS B 235 4.18 5.02 -10.45
C HIS B 235 3.81 4.07 -11.59
N GLN B 236 2.51 3.96 -11.82
CA GLN B 236 1.95 3.09 -12.86
C GLN B 236 2.44 3.40 -14.25
N ASP B 237 3.04 2.39 -14.89
CA ASP B 237 3.51 2.54 -16.26
C ASP B 237 2.26 2.86 -17.04
N LEU B 238 2.41 3.66 -18.09
CA LEU B 238 1.25 4.03 -18.92
C LEU B 238 0.78 2.83 -19.71
N ARG B 239 1.50 1.72 -19.55
CA ARG B 239 1.19 0.47 -20.25
C ARG B 239 0.36 -0.48 -19.38
N PHE B 240 -0.34 0.06 -18.39
CA PHE B 240 -1.18 -0.74 -17.50
C PHE B 240 -1.81 0.07 -16.38
N PRO B 241 -2.78 0.94 -16.73
CA PRO B 241 -3.47 1.78 -15.74
C PRO B 241 -4.53 0.95 -15.00
N ARG B 242 -4.88 1.37 -13.79
CA ARG B 242 -5.88 0.66 -13.01
C ARG B 242 -7.29 0.86 -13.60
N ILE B 243 -8.14 -0.16 -13.42
CA ILE B 243 -9.50 -0.12 -13.94
C ILE B 243 -10.51 0.10 -12.84
N ALA B 244 -11.12 1.28 -12.80
CA ALA B 244 -12.12 1.59 -11.78
C ALA B 244 -13.51 1.57 -12.37
N PHE B 245 -14.44 0.88 -11.72
CA PHE B 245 -15.80 0.85 -12.20
C PHE B 245 -16.61 1.95 -11.54
N PHE B 246 -17.49 2.57 -12.32
CA PHE B 246 -18.34 3.63 -11.81
C PHE B 246 -19.79 3.33 -12.17
N SER B 247 -20.70 3.71 -11.28
CA SER B 247 -22.12 3.52 -11.48
C SER B 247 -22.57 4.45 -12.61
N THR B 248 -23.28 3.92 -13.59
CA THR B 248 -23.75 4.68 -14.73
C THR B 248 -25.15 5.24 -14.55
N ARG B 249 -25.74 4.97 -13.39
CA ARG B 249 -27.09 5.45 -13.11
C ARG B 249 -27.33 5.16 -11.65
N LEU B 250 -28.58 5.15 -11.22
CA LEU B 250 -28.80 4.82 -9.82
C LEU B 250 -28.79 3.31 -9.79
N ILE B 251 -28.12 2.74 -8.81
CA ILE B 251 -28.09 1.30 -8.67
C ILE B 251 -28.82 1.09 -7.37
N GLU B 252 -29.95 0.38 -7.45
CA GLU B 252 -30.76 0.11 -6.27
C GLU B 252 -30.28 -1.08 -5.44
N ALA B 253 -30.48 -0.99 -4.13
CA ALA B 253 -30.06 -2.06 -3.24
C ALA B 253 -30.71 -3.37 -3.68
N GLY B 254 -29.87 -4.41 -3.87
CA GLY B 254 -30.35 -5.72 -4.28
C GLY B 254 -30.05 -6.00 -5.74
N GLU B 255 -29.78 -4.94 -6.48
CA GLU B 255 -29.50 -5.03 -7.91
C GLU B 255 -28.13 -5.66 -8.16
N GLN B 256 -28.04 -6.49 -9.18
CA GLN B 256 -26.78 -7.12 -9.56
C GLN B 256 -25.93 -6.08 -10.30
N LEU B 257 -24.61 -6.17 -10.14
CA LEU B 257 -23.70 -5.26 -10.81
C LEU B 257 -23.37 -5.83 -12.16
N GLY B 258 -23.06 -4.96 -13.12
CA GLY B 258 -22.72 -5.45 -14.44
C GLY B 258 -21.96 -4.41 -15.24
N PHE B 259 -21.12 -4.87 -16.14
CA PHE B 259 -20.36 -3.97 -16.99
C PHE B 259 -20.26 -4.61 -18.38
N ASP B 260 -19.91 -3.82 -19.38
CA ASP B 260 -19.80 -4.34 -20.74
C ASP B 260 -18.47 -5.02 -21.05
N TYR B 261 -18.52 -6.35 -21.10
CA TYR B 261 -17.35 -7.17 -21.37
C TYR B 261 -16.57 -6.79 -22.64
N GLY B 262 -17.25 -6.19 -23.61
CA GLY B 262 -16.56 -5.80 -24.84
C GLY B 262 -16.74 -6.77 -26.00
N GLU B 263 -16.28 -6.38 -27.19
CA GLU B 263 -16.43 -7.22 -28.37
C GLU B 263 -15.42 -8.36 -28.46
N ARG B 264 -14.14 -8.04 -28.32
CA ARG B 264 -13.11 -9.08 -28.39
C ARG B 264 -13.62 -10.27 -27.61
N PHE B 265 -14.14 -10.01 -26.42
CA PHE B 265 -14.67 -11.07 -25.57
C PHE B 265 -15.72 -11.95 -26.25
N TRP B 266 -16.78 -11.33 -26.77
CA TRP B 266 -17.84 -12.08 -27.43
C TRP B 266 -17.39 -12.67 -28.75
N ASP B 267 -16.70 -11.85 -29.54
CA ASP B 267 -16.18 -12.32 -30.82
C ASP B 267 -15.42 -13.64 -30.57
N ILE B 268 -15.03 -13.88 -29.32
CA ILE B 268 -14.29 -15.09 -28.96
C ILE B 268 -15.10 -16.11 -28.14
N LYS B 269 -16.18 -15.66 -27.50
CA LYS B 269 -16.99 -16.57 -26.68
C LYS B 269 -18.46 -16.71 -27.09
N GLY B 270 -18.91 -15.85 -28.00
CA GLY B 270 -20.29 -15.90 -28.47
C GLY B 270 -20.57 -17.11 -29.33
N LYS B 271 -19.50 -17.80 -29.71
CA LYS B 271 -19.60 -19.00 -30.54
C LYS B 271 -19.61 -20.22 -29.60
N LEU B 272 -19.98 -19.97 -28.35
CA LEU B 272 -20.05 -21.01 -27.34
C LEU B 272 -21.33 -20.91 -26.52
N PHE B 273 -21.94 -19.73 -26.50
CA PHE B 273 -23.19 -19.51 -25.77
C PHE B 273 -23.77 -18.10 -25.98
N SER B 274 -25.03 -17.91 -25.56
CA SER B 274 -25.70 -16.63 -25.71
C SER B 274 -25.67 -15.79 -24.44
N CYS B 275 -25.83 -14.48 -24.59
CA CYS B 275 -25.84 -13.55 -23.48
C CYS B 275 -27.12 -13.63 -22.67
N ARG B 276 -26.98 -13.78 -21.36
CA ARG B 276 -28.12 -13.91 -20.47
C ARG B 276 -28.57 -12.66 -19.71
N CYS B 277 -27.93 -11.52 -19.93
CA CYS B 277 -28.32 -10.31 -19.22
C CYS B 277 -29.84 -10.10 -19.28
N GLY B 278 -30.42 -10.40 -20.44
CA GLY B 278 -31.85 -10.24 -20.62
C GLY B 278 -32.36 -8.81 -20.81
N SER B 279 -31.45 -7.89 -21.11
CA SER B 279 -31.84 -6.50 -21.31
C SER B 279 -32.60 -6.35 -22.62
N PRO B 280 -33.63 -5.49 -22.62
CA PRO B 280 -34.46 -5.23 -23.80
C PRO B 280 -33.59 -4.67 -24.93
N LYS B 281 -32.31 -4.46 -24.63
CA LYS B 281 -31.37 -3.93 -25.59
C LYS B 281 -30.18 -4.87 -25.72
N CYS B 282 -30.36 -6.12 -25.31
CA CYS B 282 -29.29 -7.11 -25.37
C CYS B 282 -28.66 -7.09 -26.76
N ARG B 283 -27.40 -7.48 -26.85
CA ARG B 283 -26.73 -7.45 -28.14
C ARG B 283 -26.00 -8.74 -28.46
N HIS B 284 -26.20 -9.78 -27.65
CA HIS B 284 -25.54 -11.05 -27.90
C HIS B 284 -26.41 -12.24 -27.53
N SER B 285 -27.74 -12.03 -27.54
CA SER B 285 -28.69 -13.09 -27.19
C SER B 285 -28.82 -14.16 -28.28
#